data_2YM1
#
_entry.id   2YM1
#
_cell.length_a   107.920
_cell.length_b   107.920
_cell.length_c   107.491
_cell.angle_alpha   90.00
_cell.angle_beta   90.00
_cell.angle_gamma   120.00
#
_symmetry.space_group_name_H-M   'P 32 2 1'
#
loop_
_entity.id
_entity.type
_entity.pdbx_description
1 polymer 'PHENYLACETONE MONOOXYGENASE'
2 non-polymer 'FLAVIN-ADENINE DINUCLEOTIDE'
3 non-polymer 'NADP NICOTINAMIDE-ADENINE-DINUCLEOTIDE PHOSPHATE'
4 non-polymer 'OXYGEN MOLECULE'
5 non-polymer 'TETRAETHYLENE GLYCOL'
6 non-polymer 'TRIETHYLENE GLYCOL'
7 non-polymer DI(HYDROXYETHYL)ETHER
8 water water
#
_entity_poly.entity_id   1
_entity_poly.type   'polypeptide(L)'
_entity_poly.pdbx_seq_one_letter_code
;MAGQTTVDSRRQPPEEVDVLVVGAGFSGLYALYRLRELGRSVHVIETAGDVGGVWYWNRYPGARCDIESIEYCYSFSEEV
LQEWNWTERYASQPEILRYINFVADKFDLRSGITFHTTVTAAAFDEATNTWTVDTNHGDRIRARYLIMASGQLSVPQLPN
FPGLKDFAGNLYHTGNWPHEPVDFSGQRVGVIGTGSSGIQVSPQIAKQAAELFVFQRTPHFAVPARNAPLDPEFLADLKK
RYAEFREESRNTPGGTHRYQGPKSALEVSDEELVETLERYWQEGGPDILAAYRDILRDRDANERVAEFIRNKIRNTVRDP
EVAERLVPKGYPFGTKKLILEIDYYEMFNRDNVHLVDTLSAPIETITPRGVRTSEREYELDSLVLATGFDALTGALFKID
IRGVGNVALKEKWAAGPRTYLGLSTAGFPNLFFIAGPGSPSALSNMLVSIEQHVEWVTDHIAYMFKNGLTRSEAVLEKED
EWVEHVNEIADETLYPMTASWYTGANVPGKPRVFMLYVGGFHRYRQICDEVAAKGYEGFVLT
;
_entity_poly.pdbx_strand_id   A
#
loop_
_chem_comp.id
_chem_comp.type
_chem_comp.name
_chem_comp.formula
FAD non-polymer 'FLAVIN-ADENINE DINUCLEOTIDE' 'C27 H33 N9 O15 P2'
NAP non-polymer 'NADP NICOTINAMIDE-ADENINE-DINUCLEOTIDE PHOSPHATE' 'C21 H28 N7 O17 P3'
OXY non-polymer 'OXYGEN MOLECULE' O2
PEG non-polymer DI(HYDROXYETHYL)ETHER 'C4 H10 O3'
PG4 non-polymer 'TETRAETHYLENE GLYCOL' 'C8 H18 O5'
PGE non-polymer 'TRIETHYLENE GLYCOL' 'C6 H14 O4'
#
# COMPACT_ATOMS: atom_id res chain seq x y z
N ARG A 11 -4.13 22.70 -16.31
CA ARG A 11 -5.62 22.80 -16.49
C ARG A 11 -6.10 23.95 -15.63
N GLN A 12 -7.17 23.75 -14.84
CA GLN A 12 -7.72 24.76 -13.91
C GLN A 12 -8.95 24.21 -13.22
N PRO A 13 -8.98 24.20 -11.87
CA PRO A 13 -10.05 23.55 -11.11
C PRO A 13 -11.31 24.34 -11.14
N PRO A 14 -12.47 23.67 -11.27
CA PRO A 14 -13.72 24.44 -11.21
C PRO A 14 -13.92 25.07 -9.83
N GLU A 15 -14.84 26.04 -9.76
CA GLU A 15 -15.08 26.83 -8.59
C GLU A 15 -16.01 26.08 -7.67
N GLU A 16 -17.02 25.46 -8.25
CA GLU A 16 -17.95 24.60 -7.53
C GLU A 16 -18.14 23.28 -8.26
N VAL A 17 -18.39 22.21 -7.49
CA VAL A 17 -18.44 20.85 -8.01
C VAL A 17 -19.20 20.00 -7.00
N ASP A 18 -19.88 18.97 -7.46
CA ASP A 18 -20.64 18.08 -6.57
C ASP A 18 -19.68 17.30 -5.66
N VAL A 19 -18.59 16.82 -6.24
CA VAL A 19 -17.65 15.97 -5.53
C VAL A 19 -16.27 16.35 -5.96
N LEU A 20 -15.42 16.68 -5.00
CA LEU A 20 -13.99 16.83 -5.25
C LEU A 20 -13.21 15.63 -4.72
N VAL A 21 -12.31 15.14 -5.56
CA VAL A 21 -11.55 13.92 -5.29
C VAL A 21 -10.11 14.34 -5.18
N VAL A 22 -9.40 13.85 -4.15
CA VAL A 22 -7.95 14.12 -4.07
C VAL A 22 -7.11 12.90 -4.41
N GLY A 23 -6.24 13.01 -5.41
CA GLY A 23 -5.43 11.87 -5.86
C GLY A 23 -5.89 11.28 -7.19
N ALA A 24 -4.94 11.07 -8.10
CA ALA A 24 -5.20 10.45 -9.42
C ALA A 24 -4.49 9.11 -9.58
N GLY A 25 -4.53 8.26 -8.56
CA GLY A 25 -3.96 6.91 -8.71
C GLY A 25 -5.19 6.07 -8.94
N PHE A 26 -5.06 4.76 -8.74
CA PHE A 26 -6.20 3.85 -8.96
C PHE A 26 -7.52 4.32 -8.37
N SER A 27 -7.49 4.84 -7.14
CA SER A 27 -8.71 5.19 -6.41
C SER A 27 -9.38 6.38 -7.05
N GLY A 28 -8.63 7.44 -7.27
CA GLY A 28 -9.21 8.69 -7.79
C GLY A 28 -9.72 8.61 -9.22
N LEU A 29 -8.99 7.88 -10.06
CA LEU A 29 -9.40 7.63 -11.43
C LEU A 29 -10.75 6.94 -11.45
N TYR A 30 -10.89 5.87 -10.70
CA TYR A 30 -12.15 5.17 -10.68
C TYR A 30 -13.30 6.03 -10.15
N ALA A 31 -13.04 6.78 -9.07
CA ALA A 31 -14.03 7.70 -8.51
C ALA A 31 -14.51 8.75 -9.52
N LEU A 32 -13.57 9.34 -10.27
CA LEU A 32 -13.88 10.31 -11.32
C LEU A 32 -14.75 9.68 -12.41
N TYR A 33 -14.31 8.51 -12.89
CA TYR A 33 -15.06 7.78 -13.90
C TYR A 33 -16.46 7.52 -13.45
N ARG A 34 -16.59 6.85 -12.31
CA ARG A 34 -17.89 6.41 -11.83
C ARG A 34 -18.86 7.53 -11.43
N LEU A 35 -18.35 8.63 -10.88
CA LEU A 35 -19.24 9.76 -10.54
C LEU A 35 -19.78 10.43 -11.81
N ARG A 36 -18.93 10.57 -12.84
CA ARG A 36 -19.40 10.99 -14.18
C ARG A 36 -20.50 10.09 -14.72
N GLU A 37 -20.29 8.78 -14.64
CA GLU A 37 -21.24 7.79 -15.09
C GLU A 37 -22.52 7.88 -14.30
N LEU A 38 -22.42 8.47 -13.09
CA LEU A 38 -23.60 8.64 -12.19
C LEU A 38 -24.31 9.98 -12.38
N GLY A 39 -23.73 10.85 -13.21
CA GLY A 39 -24.33 12.12 -13.55
C GLY A 39 -23.98 13.23 -12.59
N ARG A 40 -22.75 13.22 -12.06
CA ARG A 40 -22.37 14.15 -11.04
C ARG A 40 -21.20 14.99 -11.53
N SER A 41 -21.09 16.23 -11.07
CA SER A 41 -19.91 16.99 -11.44
C SER A 41 -18.78 16.56 -10.48
N VAL A 42 -17.59 16.32 -11.02
CA VAL A 42 -16.53 15.81 -10.19
C VAL A 42 -15.25 16.25 -10.81
N HIS A 43 -14.24 16.46 -9.99
CA HIS A 43 -12.96 16.90 -10.46
C HIS A 43 -11.89 16.37 -9.49
N VAL A 44 -10.64 16.34 -9.93
CA VAL A 44 -9.54 15.72 -9.18
C VAL A 44 -8.36 16.65 -9.09
N ILE A 45 -7.72 16.67 -7.92
CA ILE A 45 -6.52 17.45 -7.71
C ILE A 45 -5.42 16.46 -7.41
N GLU A 46 -4.29 16.60 -8.09
CA GLU A 46 -3.22 15.69 -7.93
C GLU A 46 -1.91 16.40 -7.93
N THR A 47 -1.09 16.11 -6.93
CA THR A 47 0.24 16.70 -6.84
C THR A 47 1.18 16.37 -8.02
N ALA A 48 1.09 15.14 -8.52
CA ALA A 48 1.98 14.65 -9.57
C ALA A 48 1.76 15.38 -10.89
N GLY A 49 2.73 15.22 -11.79
CA GLY A 49 2.58 15.73 -13.16
C GLY A 49 1.61 14.96 -14.06
N ASP A 50 1.06 13.82 -13.60
CA ASP A 50 0.20 12.95 -14.41
C ASP A 50 -0.35 11.80 -13.51
N VAL A 51 -1.21 10.96 -14.07
CA VAL A 51 -1.88 9.87 -13.35
C VAL A 51 -0.98 8.72 -12.94
N GLY A 52 -1.47 7.92 -11.98
CA GLY A 52 -0.75 6.67 -11.58
C GLY A 52 -0.52 6.44 -10.09
N GLY A 53 -0.35 7.54 -9.36
CA GLY A 53 -0.14 7.46 -7.93
C GLY A 53 1.08 6.65 -7.69
N VAL A 54 0.98 5.57 -6.93
CA VAL A 54 2.23 4.90 -6.59
C VAL A 54 3.08 4.53 -7.78
N TRP A 55 2.46 4.19 -8.93
CA TRP A 55 3.23 3.68 -10.10
C TRP A 55 3.74 4.83 -10.98
N TYR A 56 3.25 6.02 -10.70
CA TYR A 56 3.86 7.24 -11.17
C TYR A 56 5.10 7.53 -10.36
N TRP A 57 5.03 7.42 -9.02
CA TRP A 57 6.12 7.89 -8.13
C TRP A 57 7.22 6.86 -7.91
N ASN A 58 6.89 5.57 -7.89
CA ASN A 58 7.86 4.56 -7.52
C ASN A 58 8.57 3.91 -8.72
N ARG A 59 9.44 4.69 -9.37
CA ARG A 59 10.09 4.32 -10.64
C ARG A 59 11.46 3.78 -10.40
N TYR A 60 11.76 3.40 -9.16
CA TYR A 60 13.04 2.78 -8.94
C TYR A 60 13.12 1.52 -9.78
N PRO A 61 14.35 1.15 -10.17
CA PRO A 61 14.49 0.01 -11.00
C PRO A 61 14.19 -1.28 -10.24
N GLY A 62 13.47 -2.20 -10.91
CA GLY A 62 12.94 -3.40 -10.22
C GLY A 62 11.57 -3.20 -9.57
N ALA A 63 11.02 -1.99 -9.60
CA ALA A 63 9.70 -1.82 -9.02
C ALA A 63 8.70 -2.71 -9.73
N ARG A 64 7.96 -3.49 -8.97
CA ARG A 64 7.11 -4.58 -9.50
C ARG A 64 6.11 -4.93 -8.44
N CYS A 65 4.89 -5.22 -8.87
CA CYS A 65 3.78 -5.63 -8.03
C CYS A 65 3.95 -7.04 -7.51
N ASP A 66 3.38 -7.29 -6.36
CA ASP A 66 3.46 -8.60 -5.67
C ASP A 66 2.10 -9.37 -5.80
N ILE A 67 1.09 -8.76 -6.36
CA ILE A 67 -0.15 -9.46 -6.74
C ILE A 67 -0.06 -9.75 -8.23
N GLU A 68 -0.54 -10.91 -8.67
CA GLU A 68 -0.48 -11.25 -10.11
C GLU A 68 -1.15 -10.25 -11.00
N SER A 69 -0.59 -10.06 -12.17
CA SER A 69 -1.16 -9.10 -13.09
C SER A 69 -2.65 -9.34 -13.34
N ILE A 70 -3.08 -10.62 -13.39
CA ILE A 70 -4.48 -10.86 -13.73
C ILE A 70 -5.42 -10.48 -12.60
N GLU A 71 -4.88 -10.44 -11.38
CA GLU A 71 -5.66 -9.98 -10.21
C GLU A 71 -5.57 -8.47 -10.03
N TYR A 72 -4.39 -7.92 -10.28
CA TYR A 72 -4.11 -6.53 -9.94
C TYR A 72 -4.48 -5.65 -11.09
N CYS A 73 -5.77 -5.34 -11.23
CA CYS A 73 -6.25 -4.61 -12.39
C CYS A 73 -7.66 -4.24 -12.09
N TYR A 74 -8.18 -3.24 -12.79
CA TYR A 74 -9.57 -2.90 -12.71
C TYR A 74 -10.53 -3.97 -13.32
N SER A 75 -11.73 -4.10 -12.77
CA SER A 75 -12.73 -5.02 -13.27
C SER A 75 -14.01 -4.28 -13.64
N PHE A 76 -14.03 -2.96 -13.45
CA PHE A 76 -15.26 -2.23 -13.70
C PHE A 76 -15.69 -2.14 -15.16
N SER A 77 -14.72 -2.22 -16.06
CA SER A 77 -14.95 -2.09 -17.50
C SER A 77 -14.62 -3.37 -18.28
N GLU A 78 -15.65 -3.93 -18.92
CA GLU A 78 -15.48 -5.14 -19.72
C GLU A 78 -14.50 -4.87 -20.89
N GLU A 79 -14.68 -3.73 -21.55
CA GLU A 79 -13.79 -3.30 -22.61
C GLU A 79 -12.32 -3.44 -22.19
N VAL A 80 -11.96 -2.79 -21.08
CA VAL A 80 -10.62 -2.92 -20.53
C VAL A 80 -10.19 -4.34 -20.25
N LEU A 81 -11.02 -5.18 -19.64
CA LEU A 81 -10.59 -6.57 -19.39
C LEU A 81 -10.28 -7.34 -20.68
N GLN A 82 -11.16 -7.22 -21.67
CA GLN A 82 -10.96 -7.83 -23.00
C GLN A 82 -9.75 -7.25 -23.75
N GLU A 83 -9.52 -5.95 -23.71
CA GLU A 83 -8.45 -5.39 -24.56
C GLU A 83 -7.06 -5.45 -24.00
N TRP A 84 -6.88 -5.13 -22.72
CA TRP A 84 -5.50 -5.05 -22.20
C TRP A 84 -4.83 -6.41 -22.20
N ASN A 85 -3.54 -6.47 -22.53
CA ASN A 85 -2.79 -7.74 -22.39
C ASN A 85 -1.70 -7.60 -21.33
N TRP A 86 -1.71 -8.43 -20.28
CA TRP A 86 -0.61 -8.41 -19.36
C TRP A 86 0.46 -9.36 -19.92
N THR A 87 1.72 -9.14 -19.57
CA THR A 87 2.82 -9.89 -20.11
C THR A 87 3.51 -10.84 -19.12
N GLU A 88 3.38 -10.62 -17.81
CA GLU A 88 4.16 -11.42 -16.84
C GLU A 88 3.29 -11.79 -15.63
N ARG A 89 3.71 -12.79 -14.89
CA ARG A 89 2.98 -13.18 -13.70
C ARG A 89 2.79 -11.95 -12.81
N TYR A 90 3.88 -11.22 -12.54
CA TYR A 90 3.79 -9.93 -11.87
C TYR A 90 4.29 -8.73 -12.70
N ALA A 91 3.44 -7.72 -12.86
CA ALA A 91 3.72 -6.56 -13.69
C ALA A 91 4.75 -5.62 -13.04
N SER A 92 5.77 -5.27 -13.81
CA SER A 92 6.75 -4.32 -13.39
C SER A 92 6.02 -2.96 -13.42
N GLN A 93 6.58 -1.99 -12.70
CA GLN A 93 6.00 -0.65 -12.60
C GLN A 93 5.73 0.03 -13.95
N PRO A 94 6.68 -0.02 -14.93
CA PRO A 94 6.35 0.61 -16.25
C PRO A 94 5.10 0.06 -16.94
N GLU A 95 4.94 -1.25 -16.87
CA GLU A 95 3.80 -1.86 -17.47
C GLU A 95 2.53 -1.40 -16.78
N ILE A 96 2.58 -1.26 -15.45
CA ILE A 96 1.35 -0.91 -14.71
C ILE A 96 1.06 0.54 -15.00
N LEU A 97 2.10 1.34 -15.11
CA LEU A 97 1.89 2.75 -15.46
C LEU A 97 1.28 2.88 -16.88
N ARG A 98 1.84 2.19 -17.86
CA ARG A 98 1.20 2.08 -19.23
C ARG A 98 -0.27 1.66 -19.17
N TYR A 99 -0.57 0.65 -18.36
CA TYR A 99 -1.96 0.26 -18.11
C TYR A 99 -2.80 1.36 -17.55
N ILE A 100 -2.27 2.11 -16.59
CA ILE A 100 -3.12 3.18 -16.02
C ILE A 100 -3.35 4.32 -17.07
N ASN A 101 -2.31 4.63 -17.84
CA ASN A 101 -2.41 5.60 -18.94
C ASN A 101 -3.47 5.16 -19.96
N PHE A 102 -3.37 3.93 -20.41
CA PHE A 102 -4.39 3.34 -21.24
C PHE A 102 -5.82 3.58 -20.73
N VAL A 103 -6.06 3.32 -19.43
CA VAL A 103 -7.38 3.56 -18.84
C VAL A 103 -7.80 5.06 -18.83
N ALA A 104 -6.87 5.94 -18.46
CA ALA A 104 -7.08 7.40 -18.50
C ALA A 104 -7.53 7.92 -19.88
N ASP A 105 -6.76 7.55 -20.92
CA ASP A 105 -7.07 7.80 -22.35
C ASP A 105 -8.43 7.22 -22.67
N LYS A 106 -8.59 5.91 -22.51
CA LYS A 106 -9.84 5.30 -22.89
C LYS A 106 -11.02 6.13 -22.39
N PHE A 107 -10.97 6.57 -21.13
CA PHE A 107 -12.16 7.21 -20.57
C PHE A 107 -12.07 8.72 -20.44
N ASP A 108 -11.00 9.28 -21.01
CA ASP A 108 -10.77 10.72 -21.10
C ASP A 108 -10.75 11.40 -19.71
N LEU A 109 -10.03 10.77 -18.78
CA LEU A 109 -10.14 11.17 -17.38
C LEU A 109 -9.36 12.43 -17.09
N ARG A 110 -8.27 12.63 -17.82
CA ARG A 110 -7.41 13.79 -17.64
C ARG A 110 -8.11 15.14 -17.76
N SER A 111 -9.26 15.19 -18.42
CA SER A 111 -9.96 16.46 -18.54
C SER A 111 -10.66 16.87 -17.22
N GLY A 112 -10.87 15.91 -16.29
CA GLY A 112 -11.41 16.22 -14.98
C GLY A 112 -10.33 16.27 -13.89
N ILE A 113 -9.08 16.49 -14.27
CA ILE A 113 -7.98 16.45 -13.30
C ILE A 113 -7.04 17.66 -13.43
N THR A 114 -6.84 18.38 -12.33
CA THR A 114 -5.78 19.38 -12.28
C THR A 114 -4.52 18.73 -11.73
N PHE A 115 -3.49 18.61 -12.55
CA PHE A 115 -2.18 18.12 -12.14
C PHE A 115 -1.30 19.19 -11.49
N HIS A 116 -0.13 18.77 -10.97
CA HIS A 116 0.90 19.67 -10.37
C HIS A 116 0.50 20.50 -9.16
N THR A 117 -0.61 20.12 -8.52
CA THR A 117 -1.32 20.94 -7.54
C THR A 117 -1.55 20.09 -6.27
N THR A 118 -1.05 20.61 -5.15
CA THR A 118 -1.20 19.95 -3.87
C THR A 118 -2.29 20.58 -3.01
N VAL A 119 -3.34 19.81 -2.66
CA VAL A 119 -4.29 20.22 -1.62
C VAL A 119 -3.56 20.42 -0.25
N THR A 120 -3.78 21.60 0.36
CA THR A 120 -3.11 22.05 1.58
C THR A 120 -4.11 22.26 2.73
N ALA A 121 -5.39 22.45 2.44
CA ALA A 121 -6.36 22.64 3.50
C ALA A 121 -7.74 22.36 3.01
N ALA A 122 -8.65 22.00 3.93
CA ALA A 122 -10.06 21.83 3.61
C ALA A 122 -10.89 22.03 4.86
N ALA A 123 -11.95 22.82 4.79
CA ALA A 123 -12.82 23.00 5.98
C ALA A 123 -14.28 22.71 5.69
N PHE A 124 -14.95 22.13 6.65
CA PHE A 124 -16.35 21.86 6.47
C PHE A 124 -17.23 23.00 6.97
N ASP A 125 -18.00 23.57 6.06
CA ASP A 125 -18.89 24.64 6.44
C ASP A 125 -20.26 24.11 6.81
N GLU A 126 -20.57 24.09 8.08
CA GLU A 126 -21.90 23.68 8.51
C GLU A 126 -23.04 24.53 7.86
N ALA A 127 -22.79 25.80 7.54
CA ALA A 127 -23.87 26.68 6.99
C ALA A 127 -24.41 26.10 5.69
N THR A 128 -23.49 25.75 4.81
CA THR A 128 -23.85 25.22 3.51
C THR A 128 -23.88 23.69 3.37
N ASN A 129 -23.31 22.97 4.35
CA ASN A 129 -23.11 21.51 4.22
C ASN A 129 -22.18 21.19 3.05
N THR A 130 -21.12 21.98 2.91
CA THR A 130 -20.16 21.82 1.82
C THR A 130 -18.74 21.91 2.34
N TRP A 131 -17.77 21.40 1.59
CA TRP A 131 -16.36 21.53 1.93
C TRP A 131 -15.70 22.64 1.12
N THR A 132 -14.88 23.46 1.76
CA THR A 132 -14.09 24.42 1.02
C THR A 132 -12.68 23.91 1.01
N VAL A 133 -12.06 23.82 -0.16
CA VAL A 133 -10.77 23.18 -0.26
C VAL A 133 -9.74 24.10 -0.91
N ASP A 134 -8.57 24.30 -0.28
CA ASP A 134 -7.54 25.18 -0.81
C ASP A 134 -6.34 24.41 -1.30
N THR A 135 -5.63 24.98 -2.29
CA THR A 135 -4.42 24.36 -2.85
C THR A 135 -3.13 25.18 -2.72
N ASN A 136 -1.98 24.56 -2.99
CA ASN A 136 -0.75 25.35 -2.97
C ASN A 136 -0.61 26.31 -4.17
N HIS A 137 -1.63 26.40 -5.04
CA HIS A 137 -1.62 27.32 -6.21
C HIS A 137 -2.60 28.48 -6.02
N GLY A 138 -3.36 28.48 -4.94
CA GLY A 138 -4.28 29.57 -4.67
C GLY A 138 -5.71 29.17 -4.96
N ASP A 139 -5.90 28.04 -5.65
CA ASP A 139 -7.22 27.51 -6.01
C ASP A 139 -8.08 27.38 -4.74
N ARG A 140 -9.36 27.70 -4.84
CA ARG A 140 -10.30 27.47 -3.74
C ARG A 140 -11.57 26.86 -4.33
N ILE A 141 -11.89 25.64 -3.91
CA ILE A 141 -12.96 24.87 -4.54
C ILE A 141 -14.04 24.62 -3.50
N ARG A 142 -15.30 24.74 -3.90
CA ARG A 142 -16.40 24.46 -3.01
C ARG A 142 -17.08 23.19 -3.51
N ALA A 143 -17.23 22.21 -2.64
CA ALA A 143 -17.70 20.90 -3.05
C ALA A 143 -18.63 20.30 -2.00
N ARG A 144 -19.76 19.75 -2.41
CA ARG A 144 -20.62 19.09 -1.44
C ARG A 144 -19.91 17.92 -0.73
N TYR A 145 -19.26 17.03 -1.50
CA TYR A 145 -18.57 15.88 -0.92
C TYR A 145 -17.09 15.91 -1.20
N LEU A 146 -16.31 15.45 -0.22
CA LEU A 146 -14.87 15.39 -0.36
C LEU A 146 -14.37 13.93 -0.28
N ILE A 147 -13.62 13.49 -1.27
CA ILE A 147 -13.22 12.08 -1.27
C ILE A 147 -11.72 12.09 -1.21
N MET A 148 -11.15 11.59 -0.13
CA MET A 148 -9.72 11.55 -0.05
C MET A 148 -9.23 10.24 -0.62
N ALA A 149 -8.62 10.32 -1.79
CA ALA A 149 -8.00 9.16 -2.42
C ALA A 149 -6.50 9.38 -2.52
N SER A 150 -5.92 9.79 -1.40
CA SER A 150 -4.55 10.26 -1.38
C SER A 150 -3.57 9.19 -1.04
N GLY A 151 -4.07 7.94 -1.03
CA GLY A 151 -3.18 6.77 -0.97
C GLY A 151 -2.86 6.32 0.43
N GLN A 152 -2.18 5.18 0.54
CA GLN A 152 -1.91 4.57 1.83
C GLN A 152 -0.40 4.65 2.04
N LEU A 153 0.35 4.74 0.94
CA LEU A 153 1.80 4.66 1.00
C LEU A 153 2.30 5.70 0.01
N SER A 154 1.93 6.94 0.29
CA SER A 154 2.14 8.02 -0.65
C SER A 154 2.93 9.18 -0.10
N VAL A 155 3.39 9.14 1.15
CA VAL A 155 4.27 10.18 1.72
C VAL A 155 5.60 9.55 2.15
N PRO A 156 6.68 9.83 1.39
CA PRO A 156 7.96 9.16 1.65
C PRO A 156 8.48 9.44 3.04
N GLN A 157 9.04 8.43 3.67
CA GLN A 157 9.61 8.60 4.97
C GLN A 157 11.11 8.61 4.81
N LEU A 158 11.68 9.76 5.11
CA LEU A 158 13.14 9.87 5.19
C LEU A 158 13.52 9.69 6.65
N PRO A 159 14.28 8.61 7.00
CA PRO A 159 14.66 8.20 8.35
C PRO A 159 15.48 9.22 9.18
N PHE A 161 18.82 10.29 11.12
CA PHE A 161 18.74 11.47 10.25
C PHE A 161 19.91 12.47 10.39
N PRO A 162 20.83 12.29 11.39
CA PRO A 162 21.72 13.43 11.63
C PRO A 162 22.46 13.92 10.40
N GLY A 163 23.22 13.08 9.72
CA GLY A 163 24.12 13.69 8.73
C GLY A 163 23.61 13.93 7.30
N LEU A 164 22.30 13.96 7.11
CA LEU A 164 21.67 13.86 5.77
C LEU A 164 21.94 14.97 4.77
N LYS A 165 21.68 16.22 5.13
CA LYS A 165 21.91 17.31 4.19
C LYS A 165 23.40 17.55 3.91
N ASP A 166 24.26 16.91 4.67
CA ASP A 166 25.69 17.05 4.46
C ASP A 166 26.20 16.21 3.28
N PHE A 167 25.53 15.10 2.97
CA PHE A 167 25.99 14.16 1.92
C PHE A 167 26.42 14.82 0.61
N ALA A 168 27.67 14.57 0.21
CA ALA A 168 28.19 15.22 -1.02
C ALA A 168 27.67 14.61 -2.33
N GLY A 169 27.33 13.31 -2.28
CA GLY A 169 26.88 12.52 -3.45
C GLY A 169 25.41 12.69 -3.86
N ASN A 170 24.90 11.77 -4.68
CA ASN A 170 23.47 11.82 -5.01
C ASN A 170 22.59 11.05 -4.02
N LEU A 171 21.47 11.69 -3.70
CA LEU A 171 20.55 11.21 -2.69
C LEU A 171 19.21 10.83 -3.36
N TYR A 172 18.76 9.61 -3.08
CA TYR A 172 17.46 9.18 -3.62
C TYR A 172 16.53 8.59 -2.57
N HIS A 173 15.24 8.80 -2.79
CA HIS A 173 14.23 7.99 -2.17
C HIS A 173 13.46 7.22 -3.27
N THR A 174 13.21 5.95 -3.00
CA THR A 174 12.51 5.06 -3.97
C THR A 174 11.11 5.53 -4.29
N GLY A 175 10.48 6.23 -3.33
CA GLY A 175 9.11 6.72 -3.53
C GLY A 175 9.10 8.08 -4.17
N ASN A 176 10.26 8.55 -4.58
CA ASN A 176 10.30 9.80 -5.37
C ASN A 176 11.47 9.72 -6.35
N TRP A 177 11.35 8.75 -7.24
CA TRP A 177 12.48 8.35 -8.06
C TRP A 177 12.50 9.27 -9.27
N PRO A 178 13.70 9.62 -9.76
CA PRO A 178 13.80 10.55 -10.93
C PRO A 178 13.14 9.90 -12.14
N HIS A 179 12.62 10.71 -13.05
CA HIS A 179 11.83 10.19 -14.20
C HIS A 179 12.70 9.72 -15.39
N GLU A 180 14.01 10.00 -15.30
CA GLU A 180 15.02 9.57 -16.25
C GLU A 180 15.85 8.45 -15.58
N PRO A 181 16.03 7.28 -16.24
CA PRO A 181 16.80 6.26 -15.49
C PRO A 181 18.18 6.75 -15.04
N VAL A 182 18.64 6.21 -13.92
CA VAL A 182 19.76 6.70 -13.17
C VAL A 182 20.86 5.70 -13.33
N ASP A 183 22.07 6.21 -13.59
CA ASP A 183 23.20 5.36 -13.87
C ASP A 183 24.11 5.22 -12.66
N PHE A 184 24.17 4.01 -12.13
CA PHE A 184 24.99 3.73 -10.97
C PHE A 184 26.30 3.09 -11.35
N SER A 185 26.59 3.02 -12.67
CA SER A 185 27.83 2.40 -13.20
C SER A 185 29.06 2.95 -12.51
N GLY A 186 29.88 2.09 -11.93
CA GLY A 186 31.17 2.51 -11.38
C GLY A 186 31.14 3.00 -9.94
N GLN A 187 29.93 3.28 -9.44
CA GLN A 187 29.76 3.86 -8.13
C GLN A 187 29.82 2.91 -6.94
N ARG A 188 30.18 3.52 -5.81
CA ARG A 188 29.99 2.92 -4.50
C ARG A 188 28.62 3.39 -4.11
N VAL A 189 27.77 2.42 -3.82
CA VAL A 189 26.37 2.76 -3.59
C VAL A 189 25.87 2.11 -2.31
N GLY A 190 25.10 2.90 -1.54
CA GLY A 190 24.40 2.35 -0.40
C GLY A 190 22.90 2.38 -0.51
N VAL A 191 22.30 1.29 -0.04
CA VAL A 191 20.88 1.26 0.13
C VAL A 191 20.54 1.17 1.64
N ILE A 192 19.68 2.08 2.09
CA ILE A 192 19.06 1.99 3.42
C ILE A 192 17.57 1.61 3.38
N GLY A 193 17.26 0.46 3.97
CA GLY A 193 15.92 -0.13 3.89
C GLY A 193 16.02 -1.50 3.22
N THR A 194 15.53 -2.55 3.88
CA THR A 194 15.43 -3.83 3.25
C THR A 194 14.01 -4.28 3.33
N GLY A 195 13.11 -3.33 3.15
CA GLY A 195 11.71 -3.69 3.02
C GLY A 195 11.56 -4.10 1.57
N SER A 196 10.34 -4.18 1.06
CA SER A 196 10.26 -4.68 -0.29
C SER A 196 10.80 -3.69 -1.35
N SER A 197 10.74 -2.39 -1.08
CA SER A 197 11.42 -1.44 -1.96
C SER A 197 12.95 -1.77 -2.09
N GLY A 198 13.63 -1.99 -0.98
CA GLY A 198 15.04 -2.21 -1.05
C GLY A 198 15.40 -3.57 -1.57
N ILE A 199 14.53 -4.52 -1.32
CA ILE A 199 14.77 -5.85 -1.75
C ILE A 199 14.57 -5.94 -3.27
N GLN A 200 13.71 -5.08 -3.80
CA GLN A 200 13.52 -5.00 -5.24
C GLN A 200 14.61 -4.19 -5.95
N VAL A 201 14.96 -3.03 -5.38
CA VAL A 201 15.90 -2.11 -6.03
C VAL A 201 17.35 -2.60 -6.00
N SER A 202 17.70 -3.40 -5.00
CA SER A 202 19.08 -3.78 -4.72
C SER A 202 19.72 -4.70 -5.76
N PRO A 203 19.03 -5.80 -6.14
CA PRO A 203 19.70 -6.62 -7.18
C PRO A 203 19.89 -5.86 -8.47
N GLN A 204 19.04 -4.87 -8.75
CA GLN A 204 19.16 -4.03 -9.95
C GLN A 204 20.41 -3.17 -9.85
N ILE A 205 20.56 -2.46 -8.72
CA ILE A 205 21.75 -1.66 -8.48
C ILE A 205 23.01 -2.50 -8.46
N ALA A 206 22.95 -3.70 -7.92
CA ALA A 206 24.17 -4.48 -7.78
C ALA A 206 24.85 -4.79 -9.13
N LYS A 207 24.11 -4.62 -10.22
CA LYS A 207 24.53 -4.94 -11.58
C LYS A 207 25.39 -3.80 -12.16
N GLN A 208 25.11 -2.57 -11.74
CA GLN A 208 25.83 -1.40 -12.24
C GLN A 208 26.96 -1.00 -11.31
N ALA A 209 26.71 -1.03 -10.00
CA ALA A 209 27.65 -0.50 -9.00
C ALA A 209 28.94 -1.28 -8.91
N ALA A 210 30.03 -0.59 -8.62
CA ALA A 210 31.28 -1.29 -8.29
C ALA A 210 31.13 -1.91 -6.92
N GLU A 211 30.45 -1.19 -6.04
CA GLU A 211 30.28 -1.67 -4.67
C GLU A 211 28.91 -1.28 -4.12
N LEU A 212 28.20 -2.31 -3.70
CA LEU A 212 26.87 -2.12 -3.16
C LEU A 212 26.89 -2.42 -1.67
N PHE A 213 26.46 -1.45 -0.89
CA PHE A 213 26.32 -1.67 0.53
C PHE A 213 24.84 -1.63 0.88
N VAL A 214 24.39 -2.76 1.42
CA VAL A 214 22.99 -2.90 1.79
C VAL A 214 22.87 -2.75 3.31
N PHE A 215 22.27 -1.63 3.73
CA PHE A 215 22.13 -1.34 5.16
C PHE A 215 20.83 -1.93 5.73
N GLN A 216 20.95 -3.06 6.37
CA GLN A 216 19.76 -3.72 6.86
C GLN A 216 19.63 -3.47 8.30
N ARG A 217 18.40 -3.22 8.76
CA ARG A 217 18.13 -3.15 10.19
C ARG A 217 17.43 -4.45 10.64
N THR A 218 16.12 -4.44 10.85
CA THR A 218 15.42 -5.72 11.05
C THR A 218 15.32 -6.42 9.69
N PRO A 219 15.81 -7.69 9.58
CA PRO A 219 15.56 -8.43 8.36
C PRO A 219 14.06 -8.80 8.17
N HIS A 220 13.48 -8.47 7.02
CA HIS A 220 12.09 -8.83 6.68
C HIS A 220 12.03 -10.19 6.03
N PHE A 221 10.92 -10.91 6.17
CA PHE A 221 10.79 -12.21 5.46
C PHE A 221 10.55 -11.92 3.98
N ALA A 222 11.31 -12.54 3.11
CA ALA A 222 11.00 -12.54 1.67
C ALA A 222 10.98 -13.98 1.17
N VAL A 223 10.05 -14.27 0.25
CA VAL A 223 9.95 -15.55 -0.45
C VAL A 223 10.11 -15.31 -1.97
N PRO A 224 10.52 -16.35 -2.73
CA PRO A 224 10.81 -16.10 -4.15
C PRO A 224 9.54 -15.76 -4.94
N ALA A 225 9.60 -14.78 -5.82
CA ALA A 225 8.42 -14.43 -6.62
C ALA A 225 8.17 -15.50 -7.64
N ARG A 226 9.25 -16.01 -8.23
CA ARG A 226 9.21 -16.89 -9.41
C ARG A 226 8.35 -16.31 -10.50
N ASN A 227 8.72 -15.09 -10.93
CA ASN A 227 8.06 -14.43 -12.05
C ASN A 227 8.20 -15.32 -13.25
N ALA A 228 7.39 -15.11 -14.29
CA ALA A 228 7.47 -15.93 -15.51
C ALA A 228 6.73 -15.17 -16.60
N PRO A 229 6.92 -15.56 -17.86
CA PRO A 229 6.11 -14.97 -18.92
C PRO A 229 4.66 -15.41 -18.71
N LEU A 230 3.72 -14.54 -19.09
CA LEU A 230 2.32 -14.84 -18.96
C LEU A 230 1.90 -15.43 -20.31
N ASP A 231 1.47 -16.68 -20.32
CA ASP A 231 1.13 -17.32 -21.60
C ASP A 231 -0.08 -16.66 -22.30
N PRO A 232 0.13 -16.20 -23.54
CA PRO A 232 -0.98 -15.48 -24.17
C PRO A 232 -2.23 -16.36 -24.35
N GLU A 233 -2.05 -17.68 -24.36
CA GLU A 233 -3.17 -18.62 -24.53
C GLU A 233 -3.97 -18.74 -23.25
N PHE A 234 -3.24 -18.83 -22.15
CA PHE A 234 -3.88 -18.74 -20.84
C PHE A 234 -4.72 -17.44 -20.68
N LEU A 235 -4.13 -16.31 -21.11
CA LEU A 235 -4.79 -15.00 -21.03
C LEU A 235 -6.11 -14.94 -21.86
N ALA A 236 -6.02 -15.41 -23.10
CA ALA A 236 -7.16 -15.45 -24.00
C ALA A 236 -8.27 -16.32 -23.39
N ASP A 237 -7.88 -17.43 -22.78
CA ASP A 237 -8.83 -18.32 -22.05
C ASP A 237 -9.49 -17.64 -20.86
N LEU A 238 -8.64 -17.07 -20.01
CA LEU A 238 -9.10 -16.30 -18.87
C LEU A 238 -10.03 -15.21 -19.34
N LYS A 239 -9.75 -14.55 -20.45
CA LYS A 239 -10.66 -13.48 -20.83
C LYS A 239 -12.10 -13.94 -21.05
N LYS A 240 -12.30 -15.19 -21.50
CA LYS A 240 -13.69 -15.66 -21.75
C LYS A 240 -14.48 -15.72 -20.47
N ARG A 241 -13.78 -15.88 -19.35
CA ARG A 241 -14.44 -16.09 -18.06
C ARG A 241 -14.06 -14.98 -17.02
N TYR A 242 -13.63 -13.80 -17.48
CA TYR A 242 -12.97 -12.85 -16.62
C TYR A 242 -13.85 -12.33 -15.50
N ALA A 243 -15.05 -11.88 -15.83
CA ALA A 243 -15.96 -11.40 -14.80
C ALA A 243 -16.21 -12.48 -13.76
N GLU A 244 -16.29 -13.73 -14.21
CA GLU A 244 -16.54 -14.81 -13.28
C GLU A 244 -15.31 -14.93 -12.36
N PHE A 245 -14.13 -14.86 -12.94
CA PHE A 245 -12.88 -15.00 -12.23
C PHE A 245 -12.70 -13.85 -11.17
N ARG A 246 -13.00 -12.61 -11.53
CA ARG A 246 -12.85 -11.50 -10.56
C ARG A 246 -13.91 -11.65 -9.47
N GLU A 247 -15.10 -12.02 -9.88
CA GLU A 247 -16.09 -12.31 -8.86
C GLU A 247 -15.60 -13.40 -7.86
N GLU A 248 -14.86 -14.42 -8.29
CA GLU A 248 -14.32 -15.33 -7.31
C GLU A 248 -13.36 -14.58 -6.33
N SER A 249 -12.48 -13.74 -6.88
CA SER A 249 -11.51 -12.94 -6.09
C SER A 249 -12.16 -12.06 -5.03
N ARG A 250 -13.31 -11.47 -5.37
CA ARG A 250 -14.05 -10.62 -4.46
C ARG A 250 -14.71 -11.41 -3.35
N ASN A 251 -14.80 -12.73 -3.49
CA ASN A 251 -15.38 -13.55 -2.46
C ASN A 251 -14.35 -14.33 -1.70
N THR A 252 -13.24 -13.66 -1.35
CA THR A 252 -12.13 -14.22 -0.55
C THR A 252 -11.70 -13.22 0.53
N PRO A 253 -10.98 -13.68 1.55
CA PRO A 253 -10.39 -12.75 2.55
C PRO A 253 -9.40 -11.78 1.92
N GLY A 254 -8.49 -12.28 1.07
CA GLY A 254 -7.43 -11.42 0.49
C GLY A 254 -7.63 -10.79 -0.91
N GLY A 255 -8.78 -10.95 -1.54
CA GLY A 255 -8.98 -10.34 -2.89
C GLY A 255 -8.23 -11.03 -4.05
N THR A 256 -7.79 -12.28 -3.86
CA THR A 256 -7.02 -13.00 -4.87
C THR A 256 -7.37 -14.46 -4.76
N HIS A 257 -6.88 -15.25 -5.72
CA HIS A 257 -7.12 -16.71 -5.72
C HIS A 257 -6.28 -17.60 -4.79
N ARG A 258 -5.55 -17.02 -3.84
CA ARG A 258 -4.90 -17.79 -2.76
C ARG A 258 -5.74 -18.94 -2.13
N TYR A 259 -5.14 -20.11 -2.05
CA TYR A 259 -5.86 -21.21 -1.46
C TYR A 259 -5.76 -21.09 0.07
N GLN A 260 -6.89 -21.30 0.74
CA GLN A 260 -7.00 -21.08 2.18
C GLN A 260 -6.75 -22.39 2.94
N GLY A 261 -5.50 -22.65 3.30
CA GLY A 261 -5.18 -23.92 3.97
C GLY A 261 -6.04 -24.17 5.21
N PRO A 262 -6.93 -25.20 5.18
CA PRO A 262 -7.90 -25.57 6.26
C PRO A 262 -7.26 -26.15 7.55
N LYS A 263 -6.01 -26.58 7.46
CA LYS A 263 -5.40 -27.27 8.57
C LYS A 263 -4.66 -26.27 9.45
N SER A 264 -4.49 -26.66 10.69
CA SER A 264 -3.54 -26.07 11.58
C SER A 264 -2.07 -26.46 11.28
N ALA A 265 -1.15 -25.52 11.37
CA ALA A 265 0.23 -25.87 11.17
C ALA A 265 0.79 -26.71 12.35
N LEU A 266 -0.01 -26.86 13.40
CA LEU A 266 0.41 -27.63 14.56
C LEU A 266 -0.04 -29.10 14.47
N GLU A 267 -1.06 -29.35 13.67
CA GLU A 267 -1.69 -30.67 13.63
C GLU A 267 -0.94 -31.61 12.68
N VAL A 268 -0.15 -31.05 11.76
CA VAL A 268 0.46 -31.88 10.76
C VAL A 268 1.77 -32.43 11.28
N SER A 269 2.21 -33.54 10.74
CA SER A 269 3.54 -34.04 11.04
C SER A 269 4.63 -33.13 10.43
N ASP A 270 5.84 -33.27 10.96
CA ASP A 270 7.04 -32.68 10.37
C ASP A 270 7.22 -32.92 8.85
N GLU A 271 6.94 -34.13 8.40
CA GLU A 271 7.17 -34.52 7.03
C GLU A 271 6.10 -33.87 6.12
N GLU A 272 4.84 -33.88 6.55
CA GLU A 272 3.78 -33.15 5.84
C GLU A 272 4.03 -31.60 5.76
N LEU A 273 4.43 -31.00 6.87
CA LEU A 273 4.78 -29.58 6.89
C LEU A 273 5.85 -29.23 5.86
N VAL A 274 6.93 -29.99 5.87
CA VAL A 274 8.05 -29.73 4.98
C VAL A 274 7.64 -29.87 3.52
N GLU A 275 6.89 -30.95 3.24
CA GLU A 275 6.38 -31.19 1.91
C GLU A 275 5.40 -30.14 1.43
N THR A 276 4.43 -29.77 2.25
CA THR A 276 3.47 -28.77 1.86
C THR A 276 4.19 -27.41 1.65
N LEU A 277 5.11 -27.07 2.52
CA LEU A 277 5.73 -25.76 2.38
C LEU A 277 6.69 -25.75 1.18
N GLU A 278 7.43 -26.85 0.99
CA GLU A 278 8.30 -27.02 -0.17
C GLU A 278 7.55 -26.78 -1.46
N ARG A 279 6.36 -27.36 -1.57
CA ARG A 279 5.51 -27.06 -2.69
C ARG A 279 5.20 -25.57 -2.90
N TYR A 280 4.96 -24.82 -1.82
CA TYR A 280 4.69 -23.38 -1.95
C TYR A 280 5.98 -22.66 -2.38
N TRP A 281 7.10 -23.04 -1.79
CA TRP A 281 8.38 -22.43 -2.10
C TRP A 281 8.77 -22.61 -3.58
N GLN A 282 8.53 -23.78 -4.17
CA GLN A 282 8.76 -23.98 -5.61
C GLN A 282 7.79 -23.19 -6.45
N GLU A 283 6.53 -23.15 -6.05
CA GLU A 283 5.55 -22.41 -6.84
C GLU A 283 5.82 -20.89 -6.89
N GLY A 284 6.24 -20.34 -5.75
CA GLY A 284 6.58 -18.95 -5.62
C GLY A 284 5.34 -18.12 -5.35
N GLY A 285 5.56 -16.88 -4.89
CA GLY A 285 4.42 -16.04 -4.55
C GLY A 285 4.10 -16.04 -3.06
N PRO A 286 3.11 -15.25 -2.67
CA PRO A 286 2.85 -14.92 -1.29
C PRO A 286 1.89 -15.94 -0.61
N ASP A 287 1.36 -16.89 -1.38
CA ASP A 287 0.24 -17.77 -0.93
C ASP A 287 0.59 -18.63 0.30
N ILE A 288 1.86 -18.81 0.53
CA ILE A 288 2.31 -19.61 1.63
C ILE A 288 1.77 -19.00 2.94
N LEU A 289 1.45 -17.72 2.87
CA LEU A 289 0.93 -17.03 4.03
C LEU A 289 -0.36 -17.67 4.56
N ALA A 290 -1.10 -18.34 3.69
CA ALA A 290 -2.34 -19.04 4.07
C ALA A 290 -2.17 -20.55 3.91
N ALA A 291 -0.92 -21.04 3.94
CA ALA A 291 -0.73 -22.50 3.92
C ALA A 291 -1.54 -23.21 5.02
N TYR A 292 -1.66 -22.55 6.18
CA TYR A 292 -2.39 -23.05 7.36
C TYR A 292 -3.21 -21.93 7.97
N ARG A 293 -4.40 -22.28 8.47
CA ARG A 293 -5.36 -21.31 9.02
C ARG A 293 -4.82 -20.47 10.20
N ASP A 294 -3.84 -20.97 10.94
CA ASP A 294 -3.43 -20.30 12.18
C ASP A 294 -2.06 -19.64 12.18
N ILE A 295 -1.45 -19.50 11.00
CA ILE A 295 -0.13 -18.91 10.88
C ILE A 295 -0.10 -17.51 11.51
N LEU A 296 -1.21 -16.77 11.35
CA LEU A 296 -1.34 -15.41 11.92
C LEU A 296 -2.13 -15.35 13.24
N ARG A 297 -2.45 -16.51 13.83
CA ARG A 297 -3.23 -16.56 15.07
C ARG A 297 -2.49 -17.19 16.25
N ASP A 298 -1.47 -18.00 15.99
CA ASP A 298 -0.91 -18.80 17.05
C ASP A 298 0.57 -18.79 16.86
N ARG A 299 1.26 -18.44 17.90
CA ARG A 299 2.67 -18.26 17.83
C ARG A 299 3.47 -19.55 17.54
N ASP A 300 2.94 -20.68 17.97
CA ASP A 300 3.60 -21.94 17.71
C ASP A 300 3.33 -22.35 16.26
N ALA A 301 2.14 -22.12 15.74
CA ALA A 301 1.93 -22.46 14.33
C ALA A 301 2.91 -21.60 13.52
N ASN A 302 2.90 -20.29 13.78
CA ASN A 302 3.73 -19.33 13.06
C ASN A 302 5.18 -19.73 13.03
N GLU A 303 5.72 -20.09 14.20
CA GLU A 303 7.11 -20.42 14.32
C GLU A 303 7.50 -21.67 13.46
N ARG A 304 6.56 -22.60 13.30
CA ARG A 304 6.82 -23.79 12.50
C ARG A 304 7.02 -23.39 11.07
N VAL A 305 6.23 -22.43 10.61
CA VAL A 305 6.41 -21.93 9.25
C VAL A 305 7.67 -21.07 9.16
N ALA A 306 7.86 -20.19 10.14
CA ALA A 306 8.97 -19.25 10.09
C ALA A 306 10.30 -19.98 10.04
N GLU A 307 10.49 -21.00 10.87
CA GLU A 307 11.72 -21.79 10.81
C GLU A 307 11.97 -22.41 9.41
N PHE A 308 10.92 -22.89 8.75
CA PHE A 308 11.15 -23.44 7.41
C PHE A 308 11.80 -22.40 6.50
N ILE A 309 11.17 -21.22 6.49
CA ILE A 309 11.65 -20.10 5.70
C ILE A 309 13.05 -19.69 6.10
N ARG A 310 13.27 -19.66 7.40
CA ARG A 310 14.59 -19.30 7.88
C ARG A 310 15.67 -20.22 7.33
N ASN A 311 15.37 -21.52 7.23
CA ASN A 311 16.40 -22.46 6.75
C ASN A 311 16.64 -22.31 5.27
N LYS A 312 15.60 -21.96 4.53
CA LYS A 312 15.74 -21.63 3.10
C LYS A 312 16.67 -20.44 2.92
N ILE A 313 16.59 -19.46 3.81
CA ILE A 313 17.50 -18.35 3.73
C ILE A 313 18.96 -18.80 3.96
N ARG A 314 19.21 -19.59 5.01
CA ARG A 314 20.57 -20.05 5.30
C ARG A 314 21.14 -20.91 4.21
N ASN A 315 20.25 -21.65 3.54
CA ASN A 315 20.56 -22.40 2.35
C ASN A 315 21.06 -21.51 1.22
N THR A 316 20.41 -20.38 0.95
CA THR A 316 20.70 -19.66 -0.28
C THR A 316 22.02 -18.90 -0.29
N VAL A 317 22.57 -18.63 0.90
CA VAL A 317 23.84 -17.88 1.00
C VAL A 317 25.01 -18.77 1.48
N ARG A 318 26.13 -18.74 0.74
CA ARG A 318 27.24 -19.68 0.96
C ARG A 318 28.00 -19.40 2.26
N ASP A 319 28.33 -18.12 2.52
CA ASP A 319 28.95 -17.69 3.77
C ASP A 319 27.93 -17.67 4.89
N PRO A 320 28.01 -18.63 5.85
CA PRO A 320 26.99 -18.76 6.89
C PRO A 320 27.00 -17.59 7.87
N GLU A 321 28.07 -16.81 7.84
CA GLU A 321 28.15 -15.61 8.65
C GLU A 321 27.21 -14.50 8.09
N VAL A 322 27.20 -14.35 6.75
CA VAL A 322 26.30 -13.38 6.10
C VAL A 322 24.88 -13.93 6.13
N ALA A 323 24.76 -15.22 5.82
CA ALA A 323 23.49 -15.93 5.82
C ALA A 323 22.74 -15.70 7.10
N GLU A 324 23.39 -15.91 8.24
CA GLU A 324 22.67 -15.81 9.50
C GLU A 324 22.21 -14.37 9.76
N ARG A 325 22.87 -13.43 9.13
CA ARG A 325 22.60 -12.01 9.37
C ARG A 325 21.31 -11.59 8.65
N LEU A 326 20.89 -12.41 7.67
CA LEU A 326 19.70 -12.11 6.83
C LEU A 326 18.44 -12.81 7.34
N VAL A 327 18.63 -13.71 8.30
CA VAL A 327 17.56 -14.47 8.89
C VAL A 327 16.74 -13.59 9.83
N PRO A 328 15.43 -13.47 9.55
CA PRO A 328 14.49 -12.67 10.31
C PRO A 328 14.27 -13.25 11.71
N LYS A 329 14.39 -12.40 12.73
CA LYS A 329 14.28 -12.84 14.11
C LYS A 329 13.50 -11.78 14.83
N GLY A 330 12.82 -12.23 15.88
CA GLY A 330 12.19 -11.35 16.82
C GLY A 330 10.71 -11.11 16.65
N TYR A 331 10.12 -11.57 15.54
CA TYR A 331 8.71 -11.24 15.25
C TYR A 331 8.11 -12.25 14.32
N PRO A 332 6.79 -12.45 14.42
CA PRO A 332 6.16 -13.52 13.69
C PRO A 332 6.13 -13.29 12.20
N PHE A 333 6.42 -14.36 11.48
CA PHE A 333 6.32 -14.41 10.04
C PHE A 333 4.98 -13.89 9.59
N GLY A 334 5.00 -13.03 8.57
CA GLY A 334 3.78 -12.46 8.03
C GLY A 334 3.18 -11.29 8.77
N THR A 335 3.82 -10.80 9.83
CA THR A 335 3.26 -9.66 10.57
C THR A 335 3.84 -8.30 10.18
N LYS A 336 4.99 -8.30 9.52
CA LYS A 336 5.37 -7.29 8.53
C LYS A 336 4.84 -7.76 7.14
N LYS A 337 4.61 -6.83 6.23
CA LYS A 337 4.32 -7.24 4.84
C LYS A 337 5.28 -8.33 4.32
N LEU A 338 4.71 -9.39 3.74
CA LEU A 338 5.54 -10.51 3.28
C LEU A 338 6.10 -10.07 1.95
N ILE A 339 7.38 -10.26 1.70
CA ILE A 339 8.01 -9.72 0.47
C ILE A 339 8.34 -10.81 -0.58
N LEU A 340 8.11 -10.49 -1.85
CA LEU A 340 8.52 -11.38 -2.94
C LEU A 340 9.85 -10.90 -3.46
N GLU A 341 10.84 -11.78 -3.42
CA GLU A 341 12.20 -11.47 -3.85
C GLU A 341 12.53 -12.14 -5.19
N ILE A 342 13.30 -11.42 -5.99
CA ILE A 342 13.84 -12.00 -7.20
C ILE A 342 15.33 -11.81 -7.16
N ASP A 343 16.04 -12.89 -6.92
CA ASP A 343 17.50 -12.90 -6.82
C ASP A 343 18.09 -12.01 -5.72
N TYR A 344 17.33 -11.70 -4.67
CA TYR A 344 17.81 -10.83 -3.62
C TYR A 344 18.80 -11.56 -2.75
N TYR A 345 18.43 -12.74 -2.30
CA TYR A 345 19.33 -13.48 -1.47
C TYR A 345 20.57 -13.88 -2.27
N GLU A 346 20.38 -14.33 -3.50
CA GLU A 346 21.50 -14.86 -4.27
C GLU A 346 22.56 -13.79 -4.45
N MET A 347 22.12 -12.53 -4.51
CA MET A 347 22.98 -11.36 -4.68
C MET A 347 24.11 -11.24 -3.63
N PHE A 348 23.84 -11.74 -2.43
CA PHE A 348 24.80 -11.62 -1.34
C PHE A 348 26.01 -12.51 -1.50
N ASN A 349 25.87 -13.54 -2.33
CA ASN A 349 27.02 -14.34 -2.77
C ASN A 349 27.96 -13.58 -3.73
N ARG A 350 27.56 -12.44 -4.29
CA ARG A 350 28.46 -11.68 -5.18
C ARG A 350 29.59 -11.00 -4.39
N ASP A 351 30.74 -10.77 -5.04
CA ASP A 351 31.93 -10.18 -4.38
C ASP A 351 31.71 -8.70 -4.09
N ASN A 352 30.83 -8.08 -4.86
CA ASN A 352 30.71 -6.65 -4.80
C ASN A 352 29.49 -6.14 -3.99
N VAL A 353 28.92 -7.03 -3.17
CA VAL A 353 27.72 -6.74 -2.37
C VAL A 353 28.00 -7.07 -0.92
N HIS A 354 27.81 -6.09 -0.05
CA HIS A 354 28.13 -6.32 1.36
C HIS A 354 26.92 -6.00 2.22
N LEU A 355 26.56 -6.95 3.07
CA LEU A 355 25.48 -6.74 4.03
C LEU A 355 26.00 -5.98 5.25
N VAL A 356 25.54 -4.75 5.40
CA VAL A 356 25.84 -4.04 6.63
C VAL A 356 24.71 -4.22 7.68
N ASP A 357 24.97 -5.08 8.67
CA ASP A 357 24.03 -5.32 9.74
C ASP A 357 24.01 -4.13 10.72
N THR A 358 22.93 -3.35 10.71
CA THR A 358 22.85 -2.19 11.62
C THR A 358 22.00 -2.44 12.86
N LEU A 359 21.65 -3.70 13.13
CA LEU A 359 21.08 -4.03 14.42
C LEU A 359 22.27 -4.08 15.34
N SER A 360 23.33 -4.71 14.81
CA SER A 360 24.62 -4.87 15.43
C SER A 360 25.41 -3.53 15.52
N ALA A 361 25.47 -2.81 14.41
CA ALA A 361 26.21 -1.54 14.35
C ALA A 361 25.33 -0.44 13.79
N PRO A 362 24.57 0.23 14.67
CA PRO A 362 23.54 1.18 14.25
C PRO A 362 24.13 2.40 13.57
N ILE A 363 23.35 2.99 12.69
CA ILE A 363 23.83 4.15 11.98
C ILE A 363 23.93 5.30 12.98
N GLU A 364 25.12 5.83 13.18
CA GLU A 364 25.33 7.03 14.00
C GLU A 364 24.91 8.30 13.26
N THR A 365 25.43 8.45 12.05
CA THR A 365 25.27 9.68 11.27
C THR A 365 25.60 9.42 9.80
N ILE A 366 25.04 10.24 8.92
CA ILE A 366 25.51 10.28 7.55
C ILE A 366 26.64 11.32 7.54
N THR A 367 27.69 11.08 6.77
CA THR A 367 28.79 12.05 6.62
C THR A 367 28.76 12.71 5.21
N PRO A 368 29.70 13.62 4.89
CA PRO A 368 29.60 14.08 3.48
C PRO A 368 30.07 13.04 2.45
N ARG A 369 30.91 12.09 2.90
CA ARG A 369 31.45 11.02 2.06
C ARG A 369 30.55 9.76 2.00
N GLY A 370 29.75 9.53 3.06
CA GLY A 370 28.96 8.31 3.21
C GLY A 370 28.16 8.16 4.48
N VAL A 371 28.31 7.01 5.12
CA VAL A 371 27.51 6.61 6.28
C VAL A 371 28.40 6.03 7.34
N ARG A 372 28.31 6.57 8.55
CA ARG A 372 29.04 6.03 9.68
C ARG A 372 28.10 5.25 10.57
N THR A 373 28.48 4.02 10.86
CA THR A 373 27.89 3.25 11.90
C THR A 373 28.79 3.38 13.14
N SER A 374 28.36 2.87 14.29
CA SER A 374 29.26 2.81 15.44
C SER A 374 30.66 2.32 15.00
N GLU A 375 30.70 1.14 14.35
CA GLU A 375 31.93 0.43 13.89
C GLU A 375 32.87 1.02 12.81
N ARG A 376 32.34 1.55 11.71
CA ARG A 376 33.18 2.16 10.66
C ARG A 376 32.41 3.15 9.81
N GLU A 377 33.13 3.82 8.91
CA GLU A 377 32.54 4.72 7.92
C GLU A 377 32.61 4.09 6.48
N TYR A 378 31.51 4.16 5.73
CA TYR A 378 31.42 3.59 4.39
C TYR A 378 31.32 4.73 3.43
N GLU A 379 32.26 4.85 2.50
CA GLU A 379 32.15 6.00 1.57
C GLU A 379 31.36 5.61 0.33
N LEU A 380 30.57 6.56 -0.17
CA LEU A 380 29.60 6.28 -1.21
C LEU A 380 29.40 7.47 -2.11
N ASP A 381 29.26 7.19 -3.39
CA ASP A 381 28.91 8.21 -4.37
C ASP A 381 27.40 8.40 -4.42
N SER A 382 26.67 7.33 -4.10
CA SER A 382 25.20 7.45 -4.12
C SER A 382 24.55 6.74 -2.94
N LEU A 383 23.54 7.38 -2.39
CA LEU A 383 22.80 6.78 -1.29
C LEU A 383 21.31 6.70 -1.63
N VAL A 384 20.77 5.48 -1.59
CA VAL A 384 19.31 5.28 -1.83
C VAL A 384 18.60 4.99 -0.51
N LEU A 385 17.58 5.79 -0.24
CA LEU A 385 16.70 5.57 0.89
C LEU A 385 15.54 4.73 0.41
N ALA A 386 15.54 3.45 0.77
CA ALA A 386 14.35 2.60 0.70
C ALA A 386 13.72 2.51 2.11
N THR A 387 13.38 3.68 2.67
CA THR A 387 13.02 3.72 4.06
C THR A 387 11.49 3.86 4.29
N GLY A 388 10.72 3.70 3.22
CA GLY A 388 9.28 3.54 3.39
C GLY A 388 8.49 4.82 3.51
N PHE A 389 7.34 4.72 4.15
CA PHE A 389 6.36 5.78 4.03
C PHE A 389 5.72 6.08 5.36
N ASP A 390 5.23 7.32 5.51
CA ASP A 390 4.46 7.66 6.67
C ASP A 390 3.06 7.14 6.37
N ALA A 391 2.83 5.88 6.70
CA ALA A 391 1.75 5.08 6.11
C ALA A 391 0.34 5.38 6.63
N LEU A 392 -0.62 5.37 5.71
CA LEU A 392 -2.08 5.39 5.98
C LEU A 392 -2.64 6.71 6.42
N THR A 393 -1.92 7.42 7.28
CA THR A 393 -2.38 8.72 7.80
C THR A 393 -1.53 9.85 7.25
N GLY A 394 -0.35 9.53 6.74
CA GLY A 394 0.61 10.54 6.32
C GLY A 394 0.06 11.58 5.37
N ALA A 395 -0.60 11.15 4.30
CA ALA A 395 -1.08 12.13 3.33
C ALA A 395 -2.16 13.03 3.90
N LEU A 396 -3.08 12.44 4.66
CA LEU A 396 -4.14 13.23 5.32
C LEU A 396 -3.56 14.27 6.31
N PHE A 397 -2.49 13.90 6.99
CA PHE A 397 -1.94 14.76 8.02
C PHE A 397 -1.11 15.89 7.44
N LYS A 398 -0.75 15.76 6.16
CA LYS A 398 -0.07 16.83 5.45
C LYS A 398 -1.07 17.90 4.97
N ILE A 399 -2.36 17.66 5.21
CA ILE A 399 -3.43 18.60 4.86
C ILE A 399 -4.11 19.14 6.11
N ASP A 400 -4.30 20.45 6.16
CA ASP A 400 -5.06 21.05 7.26
C ASP A 400 -6.58 20.76 7.10
N ILE A 401 -7.06 19.66 7.64
CA ILE A 401 -8.48 19.27 7.46
C ILE A 401 -9.31 19.55 8.73
N ARG A 402 -10.45 20.24 8.57
CA ARG A 402 -11.25 20.78 9.68
C ARG A 402 -12.70 20.39 9.56
N GLY A 403 -13.23 19.75 10.60
CA GLY A 403 -14.64 19.34 10.63
C GLY A 403 -15.52 20.28 11.40
N VAL A 404 -16.66 19.78 11.86
CA VAL A 404 -17.55 20.54 12.74
C VAL A 404 -16.85 21.14 13.97
N GLY A 405 -17.24 22.38 14.34
CA GLY A 405 -16.65 23.09 15.47
C GLY A 405 -15.16 23.26 15.28
N ASN A 406 -14.75 23.26 14.02
CA ASN A 406 -13.34 23.48 13.66
C ASN A 406 -12.35 22.45 14.26
N VAL A 407 -12.83 21.24 14.55
CA VAL A 407 -11.93 20.17 15.01
C VAL A 407 -10.97 19.80 13.85
N ALA A 408 -9.67 19.81 14.09
CA ALA A 408 -8.74 19.25 13.14
C ALA A 408 -8.76 17.71 13.20
N LEU A 409 -8.63 17.10 12.02
CA LEU A 409 -8.57 15.65 11.91
C LEU A 409 -7.33 15.13 12.60
N LYS A 410 -6.25 15.88 12.41
CA LYS A 410 -4.97 15.63 13.08
C LYS A 410 -5.14 15.44 14.58
N GLU A 411 -6.08 16.19 15.16
CA GLU A 411 -6.39 16.07 16.58
C GLU A 411 -7.36 14.94 16.89
N LYS A 412 -8.44 14.80 16.14
CA LYS A 412 -9.32 13.69 16.42
C LYS A 412 -8.54 12.37 16.32
N TRP A 413 -7.53 12.33 15.45
CA TRP A 413 -6.84 11.10 15.19
C TRP A 413 -5.47 11.02 15.84
N ALA A 414 -5.22 11.88 16.81
CA ALA A 414 -3.85 11.98 17.32
C ALA A 414 -3.39 10.71 18.03
N ALA A 415 -4.34 9.94 18.55
CA ALA A 415 -4.04 8.76 19.35
C ALA A 415 -4.27 7.51 18.47
N GLY A 416 -4.51 7.75 17.18
CA GLY A 416 -4.73 6.68 16.22
C GLY A 416 -5.98 7.08 15.45
N PRO A 417 -6.18 6.50 14.27
CA PRO A 417 -7.30 6.85 13.41
C PRO A 417 -8.64 6.33 13.91
N ARG A 418 -9.68 7.13 13.74
CA ARG A 418 -10.96 6.66 14.29
C ARG A 418 -12.04 6.81 13.25
N THR A 419 -12.66 5.70 12.90
CA THR A 419 -13.58 5.75 11.78
C THR A 419 -14.80 4.89 12.00
N TYR A 420 -15.82 5.10 11.15
CA TYR A 420 -16.90 4.14 11.07
C TYR A 420 -16.63 3.44 9.78
N LEU A 421 -16.40 2.12 9.82
CA LEU A 421 -16.03 1.33 8.60
C LEU A 421 -14.73 1.75 7.88
N GLY A 422 -13.91 2.60 8.51
CA GLY A 422 -12.76 3.20 7.77
C GLY A 422 -13.16 4.23 6.71
N LEU A 423 -14.44 4.35 6.43
CA LEU A 423 -14.92 5.14 5.30
C LEU A 423 -15.14 6.61 5.63
N SER A 424 -15.64 6.87 6.82
CA SER A 424 -15.84 8.23 7.33
C SER A 424 -15.47 8.32 8.79
N THR A 425 -15.34 9.55 9.26
CA THR A 425 -15.12 9.80 10.67
C THR A 425 -16.17 10.76 11.22
N ALA A 426 -16.69 10.46 12.41
CA ALA A 426 -17.72 11.29 13.06
C ALA A 426 -17.24 12.72 13.27
N GLY A 427 -18.16 13.70 13.25
CA GLY A 427 -17.77 15.13 13.24
C GLY A 427 -17.11 15.69 11.97
N PHE A 428 -16.95 14.86 10.93
CA PHE A 428 -16.48 15.35 9.62
C PHE A 428 -17.47 14.87 8.52
N PRO A 429 -18.62 15.53 8.37
CA PRO A 429 -19.59 14.92 7.48
C PRO A 429 -19.17 15.04 6.03
N ASN A 430 -19.74 14.19 5.14
CA ASN A 430 -19.51 14.34 3.69
C ASN A 430 -18.07 14.14 3.26
N LEU A 431 -17.28 13.53 4.12
CA LEU A 431 -15.89 13.22 3.82
C LEU A 431 -15.65 11.70 3.85
N PHE A 432 -14.94 11.19 2.83
CA PHE A 432 -14.73 9.74 2.64
C PHE A 432 -13.31 9.40 2.35
N PHE A 433 -12.82 8.32 2.96
CA PHE A 433 -11.46 7.87 2.73
C PHE A 433 -11.45 6.58 1.92
N ILE A 434 -10.61 6.52 0.88
CA ILE A 434 -10.62 5.33 0.02
C ILE A 434 -9.47 4.42 0.42
N ALA A 435 -9.86 3.24 0.90
CA ALA A 435 -8.95 2.14 1.20
C ALA A 435 -7.95 2.50 2.30
N GLY A 436 -8.49 3.00 3.40
CA GLY A 436 -7.67 3.53 4.45
C GLY A 436 -7.81 2.82 5.77
N PRO A 437 -7.25 3.44 6.82
CA PRO A 437 -7.35 2.86 8.15
C PRO A 437 -8.78 2.49 8.51
N GLY A 438 -8.91 1.37 9.22
CA GLY A 438 -10.21 0.88 9.65
C GLY A 438 -10.96 0.05 8.60
N SER A 439 -10.26 -0.30 7.52
CA SER A 439 -10.84 -1.10 6.44
C SER A 439 -9.72 -2.00 5.94
N PRO A 440 -10.02 -2.94 5.01
CA PRO A 440 -9.01 -3.96 4.63
C PRO A 440 -7.73 -3.40 4.01
N SER A 441 -7.88 -2.44 3.10
CA SER A 441 -6.79 -1.65 2.65
C SER A 441 -5.68 -2.56 2.11
N ALA A 442 -4.44 -2.34 2.51
CA ALA A 442 -3.36 -3.19 2.05
C ALA A 442 -3.34 -4.65 2.56
N LEU A 443 -4.29 -5.08 3.36
CA LEU A 443 -4.28 -6.51 3.73
C LEU A 443 -4.95 -7.40 2.66
N SER A 444 -5.31 -6.79 1.56
CA SER A 444 -5.86 -7.51 0.45
C SER A 444 -5.33 -6.85 -0.83
N ASN A 445 -5.52 -7.57 -1.93
CA ASN A 445 -5.37 -7.06 -3.26
C ASN A 445 -6.03 -5.69 -3.32
N MET A 446 -5.21 -4.65 -3.48
CA MET A 446 -5.79 -3.31 -3.31
C MET A 446 -6.78 -2.88 -4.41
N LEU A 447 -6.72 -3.55 -5.56
CA LEU A 447 -7.70 -3.20 -6.62
C LEU A 447 -9.09 -3.63 -6.22
N VAL A 448 -9.17 -4.75 -5.50
CA VAL A 448 -10.43 -5.23 -4.94
C VAL A 448 -10.90 -4.30 -3.80
N SER A 449 -9.99 -3.95 -2.90
CA SER A 449 -10.32 -2.99 -1.82
C SER A 449 -10.81 -1.65 -2.36
N ILE A 450 -10.08 -1.12 -3.32
CA ILE A 450 -10.33 0.21 -3.90
C ILE A 450 -11.63 0.25 -4.70
N GLU A 451 -11.87 -0.74 -5.56
CA GLU A 451 -13.12 -0.78 -6.33
C GLU A 451 -14.35 -0.81 -5.44
N GLN A 452 -14.29 -1.70 -4.46
CA GLN A 452 -15.38 -1.80 -3.49
C GLN A 452 -15.68 -0.46 -2.78
N HIS A 453 -14.63 0.26 -2.36
CA HIS A 453 -14.79 1.56 -1.64
C HIS A 453 -15.28 2.66 -2.57
N VAL A 454 -14.65 2.77 -3.74
CA VAL A 454 -15.16 3.70 -4.74
C VAL A 454 -16.64 3.48 -5.05
N GLU A 455 -17.03 2.22 -5.29
CA GLU A 455 -18.44 1.92 -5.60
C GLU A 455 -19.37 2.20 -4.41
N TRP A 456 -18.94 1.82 -3.20
CA TRP A 456 -19.81 2.02 -2.04
C TRP A 456 -19.95 3.51 -1.76
N VAL A 457 -18.84 4.24 -1.83
CA VAL A 457 -18.92 5.68 -1.57
C VAL A 457 -19.75 6.39 -2.66
N THR A 458 -19.43 6.14 -3.93
CA THR A 458 -20.16 6.81 -5.01
C THR A 458 -21.60 6.36 -5.13
N ASP A 459 -21.92 5.09 -4.86
CA ASP A 459 -23.33 4.72 -4.69
C ASP A 459 -23.92 5.62 -3.59
N HIS A 460 -23.20 5.77 -2.48
CA HIS A 460 -23.74 6.55 -1.35
C HIS A 460 -24.03 7.99 -1.79
N ILE A 461 -23.08 8.59 -2.49
CA ILE A 461 -23.31 9.92 -3.00
C ILE A 461 -24.55 9.96 -3.89
N ALA A 462 -24.64 9.07 -4.89
CA ALA A 462 -25.83 9.01 -5.79
C ALA A 462 -27.12 8.95 -4.97
N TYR A 463 -27.15 8.05 -3.99
CA TYR A 463 -28.29 7.92 -3.09
C TYR A 463 -28.62 9.21 -2.32
N MET A 464 -27.61 10.03 -1.99
CA MET A 464 -27.87 11.28 -1.31
C MET A 464 -28.61 12.24 -2.25
N PHE A 465 -28.02 12.48 -3.42
CA PHE A 465 -28.62 13.34 -4.46
C PHE A 465 -30.05 12.98 -4.88
N LYS A 466 -30.28 11.71 -5.23
CA LYS A 466 -31.64 11.20 -5.53
C LYS A 466 -32.66 11.37 -4.39
N ASN A 467 -32.21 11.29 -3.13
CA ASN A 467 -33.16 11.44 -2.03
C ASN A 467 -33.30 12.88 -1.51
N GLY A 468 -32.60 13.81 -2.14
CA GLY A 468 -32.66 15.25 -1.83
C GLY A 468 -31.88 15.61 -0.57
N LEU A 469 -30.98 14.73 -0.15
CA LEU A 469 -30.23 14.96 1.08
C LEU A 469 -28.91 15.66 0.75
N THR A 470 -28.33 16.37 1.72
CA THR A 470 -27.10 17.11 1.46
C THR A 470 -26.03 16.91 2.54
N ARG A 471 -26.34 16.11 3.56
CA ARG A 471 -25.45 15.95 4.71
C ARG A 471 -25.36 14.50 5.24
N SER A 472 -24.15 13.96 5.20
CA SER A 472 -23.92 12.58 5.57
C SER A 472 -22.83 12.53 6.62
N GLU A 473 -23.17 12.04 7.80
CA GLU A 473 -22.20 11.97 8.89
C GLU A 473 -22.27 10.65 9.61
N ALA A 474 -21.11 10.12 9.96
CA ALA A 474 -21.04 8.94 10.82
C ALA A 474 -21.40 9.30 12.25
N VAL A 475 -22.14 8.38 12.89
CA VAL A 475 -22.61 8.50 14.28
C VAL A 475 -21.52 8.08 15.25
N LEU A 476 -21.31 8.91 16.27
CA LEU A 476 -20.11 8.82 17.11
C LEU A 476 -19.98 7.43 17.72
N GLU A 477 -21.10 6.93 18.25
CA GLU A 477 -21.12 5.67 19.00
C GLU A 477 -20.86 4.47 18.07
N LYS A 478 -21.17 4.62 16.78
CA LYS A 478 -20.93 3.58 15.78
C LYS A 478 -19.47 3.59 15.41
N GLU A 479 -18.89 4.79 15.28
CA GLU A 479 -17.48 4.89 15.06
C GLU A 479 -16.76 4.25 16.24
N ASP A 480 -17.21 4.54 17.46
CA ASP A 480 -16.60 3.98 18.68
C ASP A 480 -16.68 2.47 18.70
N GLU A 481 -17.88 1.94 18.44
CA GLU A 481 -18.07 0.49 18.27
C GLU A 481 -17.17 -0.10 17.13
N TRP A 482 -17.05 0.63 16.02
CA TRP A 482 -16.22 0.17 14.90
C TRP A 482 -14.74 0.05 15.26
N VAL A 483 -14.18 1.13 15.81
CA VAL A 483 -12.80 1.12 16.36
C VAL A 483 -12.54 -0.06 17.33
N GLU A 484 -13.45 -0.23 18.26
CA GLU A 484 -13.37 -1.27 19.25
C GLU A 484 -13.33 -2.63 18.58
N HIS A 485 -14.25 -2.85 17.63
CA HIS A 485 -14.30 -4.09 16.91
C HIS A 485 -13.00 -4.35 16.10
N VAL A 486 -12.51 -3.32 15.40
CA VAL A 486 -11.25 -3.43 14.68
C VAL A 486 -10.18 -3.88 15.62
N ASN A 487 -10.08 -3.23 16.81
CA ASN A 487 -8.97 -3.57 17.71
C ASN A 487 -9.10 -4.98 18.25
N GLU A 488 -10.33 -5.36 18.61
CA GLU A 488 -10.66 -6.68 19.14
C GLU A 488 -10.26 -7.80 18.18
N ILE A 489 -10.69 -7.71 16.92
CA ILE A 489 -10.32 -8.77 15.93
C ILE A 489 -8.80 -8.73 15.61
N ALA A 490 -8.23 -7.53 15.49
CA ALA A 490 -6.77 -7.44 15.37
C ALA A 490 -6.09 -8.16 16.53
N ASP A 491 -6.66 -8.01 17.74
CA ASP A 491 -6.01 -8.57 18.93
C ASP A 491 -6.10 -10.11 19.02
N GLU A 492 -6.89 -10.75 18.16
CA GLU A 492 -6.80 -12.22 18.06
C GLU A 492 -5.72 -12.72 17.10
N THR A 493 -4.99 -11.80 16.45
CA THR A 493 -3.93 -12.18 15.51
C THR A 493 -2.61 -11.75 16.10
N LEU A 494 -1.53 -12.13 15.45
CA LEU A 494 -0.21 -11.73 15.91
C LEU A 494 0.20 -10.39 15.28
N TYR A 495 -0.67 -9.76 14.49
CA TYR A 495 -0.29 -8.48 13.88
C TYR A 495 0.17 -7.36 14.83
N PRO A 496 -0.61 -7.10 15.90
CA PRO A 496 -0.31 -6.00 16.84
C PRO A 496 0.93 -6.24 17.68
N MET A 497 1.37 -7.48 17.77
CA MET A 497 2.67 -7.82 18.37
C MET A 497 3.84 -7.07 17.70
N THR A 498 3.68 -6.65 16.45
CA THR A 498 4.91 -6.24 15.73
C THR A 498 4.99 -4.82 15.21
N ALA A 499 6.18 -4.28 15.30
CA ALA A 499 6.45 -2.94 14.82
C ALA A 499 6.57 -2.96 13.27
N SER A 500 5.53 -2.50 12.60
CA SER A 500 5.49 -2.45 11.13
C SER A 500 4.90 -1.09 10.77
N TRP A 501 4.96 -0.73 9.51
CA TRP A 501 4.18 0.47 9.12
C TRP A 501 2.66 0.35 9.38
N TYR A 502 2.14 -0.87 9.45
CA TYR A 502 0.69 -1.12 9.72
C TYR A 502 0.30 -0.55 11.07
N THR A 503 1.31 -0.52 11.92
CA THR A 503 1.22 -0.16 13.31
C THR A 503 1.68 1.29 13.53
N GLY A 504 2.18 1.91 12.45
CA GLY A 504 2.68 3.25 12.48
C GLY A 504 4.08 3.28 13.04
N ALA A 505 4.68 2.13 13.29
CA ALA A 505 5.88 2.04 14.13
C ALA A 505 7.17 2.51 13.45
N ASN A 506 7.14 2.67 12.15
CA ASN A 506 8.31 3.22 11.47
C ASN A 506 8.41 4.73 11.49
N VAL A 507 7.40 5.44 12.03
CA VAL A 507 7.46 6.91 12.19
C VAL A 507 7.68 7.28 13.67
N PRO A 508 8.84 7.86 14.01
CA PRO A 508 9.19 8.28 15.39
C PRO A 508 8.09 9.12 15.99
N GLY A 509 7.52 8.67 17.10
CA GLY A 509 6.54 9.46 17.78
C GLY A 509 5.13 9.12 17.40
N LYS A 510 4.96 8.40 16.30
CA LYS A 510 3.63 8.07 15.80
C LYS A 510 3.00 7.03 16.77
N PRO A 511 1.75 7.22 17.15
CA PRO A 511 1.07 6.30 18.07
C PRO A 511 0.99 4.83 17.54
N ARG A 512 1.38 3.85 18.37
CA ARG A 512 1.42 2.45 17.97
C ARG A 512 0.08 1.81 18.05
N VAL A 513 -0.58 1.59 16.92
CA VAL A 513 -1.91 1.03 16.86
C VAL A 513 -2.03 0.30 15.52
N PHE A 514 -2.50 -0.92 15.55
CA PHE A 514 -2.70 -1.61 14.30
C PHE A 514 -3.83 -0.98 13.54
N MET A 515 -3.58 -0.42 12.35
CA MET A 515 -4.61 0.46 11.75
C MET A 515 -5.66 -0.20 10.84
N LEU A 516 -5.49 -1.49 10.53
CA LEU A 516 -6.31 -2.11 9.46
C LEU A 516 -7.32 -3.14 9.95
N TYR A 517 -8.41 -3.29 9.21
CA TYR A 517 -9.36 -4.36 9.43
C TYR A 517 -8.78 -5.73 9.01
N VAL A 518 -8.75 -6.70 9.93
CA VAL A 518 -8.17 -8.01 9.64
C VAL A 518 -9.16 -9.11 9.32
N GLY A 519 -10.47 -8.81 9.28
CA GLY A 519 -11.43 -9.86 9.07
C GLY A 519 -11.63 -10.39 7.65
N GLY A 520 -10.90 -9.86 6.68
CA GLY A 520 -10.90 -10.29 5.30
C GLY A 520 -11.78 -9.39 4.47
N PHE A 521 -11.42 -9.21 3.20
CA PHE A 521 -12.15 -8.33 2.30
C PHE A 521 -13.68 -8.68 2.23
N HIS A 522 -13.92 -9.98 2.04
CA HIS A 522 -15.25 -10.54 1.75
C HIS A 522 -16.18 -10.17 2.92
N ARG A 523 -15.76 -10.48 4.13
CA ARG A 523 -16.60 -10.14 5.30
C ARG A 523 -16.84 -8.64 5.44
N TYR A 524 -15.78 -7.87 5.33
CA TYR A 524 -15.91 -6.42 5.35
C TYR A 524 -16.94 -5.96 4.32
N ARG A 525 -16.86 -6.52 3.11
CA ARG A 525 -17.77 -6.09 2.07
C ARG A 525 -19.25 -6.41 2.41
N GLN A 526 -19.49 -7.56 3.04
CA GLN A 526 -20.83 -7.91 3.54
C GLN A 526 -21.33 -6.85 4.54
N ILE A 527 -20.45 -6.45 5.45
CA ILE A 527 -20.83 -5.54 6.50
C ILE A 527 -21.23 -4.25 5.83
N CYS A 528 -20.44 -3.85 4.82
CA CYS A 528 -20.71 -2.64 4.09
C CYS A 528 -22.02 -2.71 3.31
N ASP A 529 -22.29 -3.86 2.68
CA ASP A 529 -23.55 -3.98 1.91
C ASP A 529 -24.77 -3.94 2.81
N GLU A 530 -24.70 -4.65 3.94
CA GLU A 530 -25.75 -4.67 4.96
C GLU A 530 -26.07 -3.24 5.45
N VAL A 531 -25.02 -2.50 5.82
CA VAL A 531 -25.12 -1.05 6.06
C VAL A 531 -25.89 -0.28 4.95
N ALA A 532 -25.43 -0.36 3.69
CA ALA A 532 -26.14 0.32 2.57
C ALA A 532 -27.61 -0.06 2.44
N ALA A 533 -27.88 -1.36 2.51
CA ALA A 533 -29.21 -1.89 2.30
C ALA A 533 -30.19 -1.42 3.40
N LYS A 534 -29.65 -1.05 4.57
CA LYS A 534 -30.47 -0.58 5.66
C LYS A 534 -30.60 0.95 5.62
N GLY A 535 -30.48 1.54 4.44
CA GLY A 535 -30.42 2.99 4.32
C GLY A 535 -29.25 3.62 5.07
N TYR A 536 -28.09 2.96 5.00
CA TYR A 536 -26.84 3.49 5.60
C TYR A 536 -26.86 3.63 7.12
N GLU A 537 -27.21 2.54 7.78
CA GLU A 537 -27.19 2.45 9.22
C GLU A 537 -25.80 2.83 9.78
N GLY A 538 -25.83 3.66 10.82
CA GLY A 538 -24.65 4.19 11.44
C GLY A 538 -24.28 5.55 10.84
N PHE A 539 -25.11 6.07 9.94
CA PHE A 539 -24.86 7.37 9.35
C PHE A 539 -26.07 8.21 9.69
N VAL A 540 -25.88 9.50 9.90
CA VAL A 540 -27.06 10.36 10.06
C VAL A 540 -27.17 11.21 8.81
N LEU A 541 -28.27 11.08 8.08
CA LEU A 541 -28.38 11.77 6.80
C LEU A 541 -29.53 12.74 6.88
N THR A 542 -29.28 13.96 6.45
CA THR A 542 -30.25 15.06 6.53
C THR A 542 -30.11 15.91 5.29
PA FAD B . -2.01 6.19 -4.59
O1A FAD B . -0.94 6.47 -3.58
O2A FAD B . -1.43 5.32 -5.75
O5B FAD B . -2.50 7.57 -5.22
C5B FAD B . -2.64 8.70 -4.39
C4B FAD B . -2.29 9.96 -5.20
O4B FAD B . -2.75 11.11 -4.48
C3B FAD B . -0.80 10.11 -5.32
O3B FAD B . -0.48 10.47 -6.66
C2B FAD B . -0.50 11.29 -4.41
O2B FAD B . 0.52 12.09 -4.90
C1B FAD B . -1.74 12.09 -4.48
N9A FAD B . -1.86 13.00 -3.34
C8A FAD B . -1.60 12.68 -2.02
N7A FAD B . -1.85 13.79 -1.28
C5A FAD B . -2.22 14.80 -2.10
C6A FAD B . -2.56 16.14 -1.86
N6A FAD B . -2.38 16.71 -0.67
N1A FAD B . -2.93 16.95 -2.92
C2A FAD B . -2.93 16.43 -4.19
N3A FAD B . -2.57 15.13 -4.40
C4A FAD B . -2.24 14.31 -3.38
N1 FAD B . -1.02 -2.89 -3.43
C2 FAD B . -1.38 -4.17 -3.81
O2 FAD B . -2.45 -4.62 -3.48
N3 FAD B . -0.41 -5.07 -4.10
C4 FAD B . 0.80 -4.66 -4.57
O4 FAD B . 1.66 -5.56 -4.66
C4X FAD B . 1.19 -3.37 -4.23
N5 FAD B . 2.46 -2.94 -4.55
C5X FAD B . 2.78 -1.62 -4.25
C6 FAD B . 4.05 -1.10 -4.56
C7 FAD B . 4.48 0.13 -4.04
C7M FAD B . 5.81 0.74 -4.44
C8 FAD B . 3.66 0.85 -3.21
C8M FAD B . 4.13 2.18 -2.61
C9 FAD B . 2.40 0.34 -2.94
C9A FAD B . 1.97 -0.90 -3.39
N10 FAD B . 0.63 -1.21 -3.33
C10 FAD B . 0.24 -2.45 -3.78
C1' FAD B . -0.28 -0.43 -2.47
C2' FAD B . -0.86 0.71 -3.29
O2' FAD B . -1.03 1.78 -2.37
C3' FAD B . -2.24 0.37 -3.90
O3' FAD B . -2.21 -0.85 -4.66
C4' FAD B . -2.74 1.46 -4.84
O4' FAD B . -1.81 1.67 -5.86
C5' FAD B . -3.01 2.78 -4.14
O5' FAD B . -3.95 3.42 -4.91
P FAD B . -4.51 4.84 -4.48
O1P FAD B . -5.09 5.52 -5.61
O2P FAD B . -5.57 4.64 -3.39
O3P FAD B . -3.30 5.65 -3.84
PA NAP C . 9.10 -0.51 4.62
O1A NAP C . 8.37 -1.77 4.43
O2A NAP C . 8.27 0.63 5.45
O5B NAP C . 10.62 -0.78 4.95
C5B NAP C . 11.36 0.36 5.38
C4B NAP C . 12.79 -0.22 5.53
O4B NAP C . 13.66 0.85 5.91
C3B NAP C . 13.01 -1.27 6.62
O3B NAP C . 14.19 -2.03 6.31
C2B NAP C . 13.28 -0.42 7.88
O2B NAP C . 14.07 -1.07 8.89
C1B NAP C . 14.26 0.56 7.20
N9A NAP C . 14.27 1.78 7.98
C8A NAP C . 13.24 2.71 8.14
N7A NAP C . 13.71 3.69 8.92
C5A NAP C . 15.02 3.41 9.28
C6A NAP C . 16.00 4.06 10.06
N6A NAP C . 15.65 5.25 10.69
N1A NAP C . 17.23 3.48 10.21
C2A NAP C . 17.53 2.32 9.59
N3A NAP C . 16.62 1.67 8.83
C4A NAP C . 15.39 2.19 8.66
O3 NAP C . 9.11 0.37 3.26
PN NAP C . 9.06 -0.27 1.76
O1N NAP C . 10.18 -1.25 1.48
O2N NAP C . 9.15 1.03 0.94
O5D NAP C . 7.61 -0.95 1.56
C5D NAP C . 6.59 -0.11 2.10
C4D NAP C . 5.26 -0.81 1.75
O4D NAP C . 4.82 -0.41 0.43
C3D NAP C . 5.49 -2.35 1.58
O3D NAP C . 5.57 -3.09 2.79
C2D NAP C . 4.25 -2.74 0.73
O2D NAP C . 3.00 -2.52 1.37
C1D NAP C . 4.35 -1.58 -0.32
N1N NAP C . 5.33 -2.04 -1.35
C2N NAP C . 5.06 -3.17 -2.03
C3N NAP C . 5.97 -3.64 -3.00
C7N NAP C . 5.61 -4.87 -3.71
O7N NAP C . 4.52 -5.31 -3.42
N7N NAP C . 6.40 -5.52 -4.64
C4N NAP C . 7.17 -2.96 -3.28
C5N NAP C . 7.41 -1.81 -2.54
C6N NAP C . 6.48 -1.38 -1.61
P2B NAP C . 13.12 -1.78 10.05
O1X NAP C . 12.08 -0.73 10.63
O2X NAP C . 14.05 -2.50 11.06
O3X NAP C . 12.25 -2.94 9.32
O1 OXY D . 0.45 -4.10 -0.46
O2 OXY D . 1.55 -3.73 -0.78
O1 PG4 E . 1.34 7.83 2.94
C1 PG4 E . 0.05 7.84 3.68
C2 PG4 E . -1.31 8.32 3.10
O2 PG4 E . -2.32 8.43 4.18
C3 PG4 E . -3.47 9.33 4.25
C4 PG4 E . -4.10 9.76 2.88
O3 PG4 E . -4.89 8.84 2.10
C5 PG4 E . -6.33 9.07 1.99
C6 PG4 E . -7.31 8.39 2.97
O4 PG4 E . -7.74 7.04 2.65
C7 PG4 E . -6.73 6.05 2.71
C8 PG4 E . -5.69 6.44 3.78
O5 PG4 E . -4.47 5.72 3.62
C1 PGE F . 9.49 13.62 -1.02
O1 PGE F . 10.85 13.17 -1.22
C2 PGE F . 8.73 13.82 -2.32
O2 PGE F . 7.38 13.37 -2.16
C3 PGE F . 6.58 13.21 -3.35
C4 PGE F . 5.25 12.53 -2.97
O4 PGE F . 2.11 15.38 -1.02
C6 PGE F . 2.12 14.35 -2.02
C5 PGE F . 3.37 13.49 -1.81
O3 PGE F . 4.13 13.43 -3.00
C1 PEG G . -26.67 0.45 -3.40
O1 PEG G . -27.35 -0.62 -4.06
C2 PEG G . -27.64 1.60 -3.12
O2 PEG G . -28.01 1.56 -1.73
C3 PEG G . -29.36 1.97 -1.51
C4 PEG G . -29.86 1.47 -0.17
O4 PEG G . -31.25 1.22 -0.26
#